data_1EON
#
_entry.id   1EON
#
_cell.length_a   47.9
_cell.length_b   48.6
_cell.length_c   63.9
_cell.angle_alpha   96.9
_cell.angle_beta   108.9
_cell.angle_gamma   106.8
#
_symmetry.space_group_name_H-M   'P 1'
#
loop_
_entity.id
_entity.type
_entity.pdbx_description
1 polymer "DNA (5'-D(*AP*AP*AP*GP*AP*(TSP)P*AP*TP*CP*TP*T)-3')"
2 polymer "DNA (5'-D(*CP*AP*AP*GP*AP*(TSP)P*AP*TP*CP*TP*T)-3')"
3 polymer 'TYPE II RESTRICTION ENZYME ECORV'
4 non-polymer 'CHLORIDE ION'
5 non-polymer 'ACETIC ACID'
6 water water
#
loop_
_entity_poly.entity_id
_entity_poly.type
_entity_poly.pdbx_seq_one_letter_code
_entity_poly.pdbx_strand_id
1 'polydeoxyribonucleotide' (DA)(DA)(DA)(DG)(DA)(TSP)(DA)(DT)(DC)(DT)(DT) C
2 'polydeoxyribonucleotide' (DC)(DA)(DA)(DG)(DA)(TSP)(DA)(DT)(DC)(DT)(DT) D
3 'polypeptide(L)'
;MSLRSDLINALYDENQKYDVCGIISAEGKIYPLGSDTKVLSTIFELFSRPIINKIAEKHGYIVEEPKQQNHYPDFTLYKP
SEPNKKIAIDIKTTYTNKENEKIKFTLGGYTSFIRNNTKNIVYPFDQYIAHWIIGYVYTRVATRKSSLKTYNINELNEIP
KPYKGVKVFLQDKWVIAGDLAGSGNTTNIGSIHAHYKDFVEGKGIFDSEDEFLDYWRNYERTSQLRNDKYNNISEYRNWI
YRGRK
;
A,B
#
loop_
_chem_comp.id
_chem_comp.type
_chem_comp.name
_chem_comp.formula
ACY non-polymer 'ACETIC ACID' 'C2 H4 O2'
CL non-polymer 'CHLORIDE ION' 'Cl -1'
DA DNA linking 2'-DEOXYADENOSINE-5'-MONOPHOSPHATE 'C10 H14 N5 O6 P'
DC DNA linking 2'-DEOXYCYTIDINE-5'-MONOPHOSPHATE 'C9 H14 N3 O7 P'
DG DNA linking 2'-DEOXYGUANOSINE-5'-MONOPHOSPHATE 'C10 H14 N5 O7 P'
DT DNA linking THYMIDINE-5'-MONOPHOSPHATE 'C10 H15 N2 O8 P'
TSP DNA linking 3'-THIO-THYMIDINE-5'-PHOSPHATE 'C10 H15 N2 O7 P S'
#
# COMPACT_ATOMS: atom_id res chain seq x y z
P TSP A 6 -6.29 -10.75 -4.55
OP1 TSP A 6 -6.45 -12.04 -3.83
OP2 TSP A 6 -7.32 -9.71 -4.45
O5' TSP A 6 -4.94 -10.02 -4.14
C5' TSP A 6 -3.68 -10.73 -4.16
C4' TSP A 6 -2.59 -9.88 -3.58
O4' TSP A 6 -2.18 -8.95 -4.63
C3' TSP A 6 -3.13 -8.98 -2.48
S3' TSP A 6 -3.05 -9.46 -0.83
C2' TSP A 6 -2.47 -7.64 -2.68
C1' TSP A 6 -1.91 -7.65 -4.09
N1 TSP A 6 -2.72 -6.65 -4.82
C2 TSP A 6 -2.14 -5.43 -5.12
O2 TSP A 6 -0.96 -5.21 -4.92
N3 TSP A 6 -2.99 -4.50 -5.64
C4 TSP A 6 -4.34 -4.65 -5.91
O4 TSP A 6 -5.00 -3.72 -6.34
C5 TSP A 6 -4.87 -5.97 -5.64
C5M TSP A 6 -6.32 -6.24 -5.93
C6 TSP A 6 -4.04 -6.90 -5.12
P TSP B 6 -5.39 8.05 -8.70
OP1 TSP B 6 -4.88 9.42 -9.01
OP2 TSP B 6 -5.00 6.92 -9.55
O5' TSP B 6 -4.96 7.69 -7.21
C5' TSP B 6 -4.91 8.69 -6.18
C4' TSP B 6 -4.46 8.06 -4.88
O4' TSP B 6 -5.44 7.05 -4.51
C3' TSP B 6 -3.20 7.24 -4.97
S3' TSP B 6 -1.72 8.12 -5.10
C2' TSP B 6 -3.31 6.30 -3.79
C1' TSP B 6 -4.80 5.97 -3.83
N1 TSP B 6 -5.10 4.70 -4.54
C2 TSP B 6 -5.22 3.56 -3.78
O2 TSP B 6 -5.07 3.53 -2.56
N3 TSP B 6 -5.54 2.43 -4.49
C4 TSP B 6 -5.71 2.32 -5.85
O4 TSP B 6 -5.99 1.21 -6.33
C5 TSP B 6 -5.55 3.55 -6.60
C5M TSP B 6 -5.70 3.51 -8.09
C6 TSP B 6 -5.26 4.67 -5.92
N SER C 2 -4.64 -22.66 23.60
CA SER C 2 -4.47 -23.06 22.18
C SER C 2 -3.56 -22.06 21.48
N LEU C 3 -3.15 -22.41 20.26
CA LEU C 3 -2.31 -21.53 19.45
C LEU C 3 -3.04 -20.20 19.35
N ARG C 4 -4.33 -20.28 19.09
CA ARG C 4 -5.17 -19.09 18.96
C ARG C 4 -5.23 -18.23 20.22
N SER C 5 -5.51 -18.85 21.36
CA SER C 5 -5.58 -18.10 22.60
C SER C 5 -4.25 -17.43 22.94
N ASP C 6 -3.15 -18.18 22.79
CA ASP C 6 -1.81 -17.66 23.06
C ASP C 6 -1.45 -16.54 22.09
N LEU C 7 -1.87 -16.66 20.84
CA LEU C 7 -1.56 -15.65 19.84
C LEU C 7 -2.25 -14.33 20.15
N ILE C 8 -3.55 -14.38 20.44
CA ILE C 8 -4.21 -13.12 20.73
C ILE C 8 -3.67 -12.49 22.00
N ASN C 9 -3.44 -13.29 23.04
CA ASN C 9 -2.89 -12.76 24.29
C ASN C 9 -1.57 -12.03 24.02
N ALA C 10 -0.71 -12.67 23.24
CA ALA C 10 0.59 -12.11 22.88
C ALA C 10 0.46 -10.81 22.08
N LEU C 11 -0.42 -10.81 21.08
CA LEU C 11 -0.64 -9.62 20.26
C LEU C 11 -1.19 -8.48 21.14
N TYR C 12 -2.22 -8.80 21.91
CA TYR C 12 -2.89 -7.85 22.79
C TYR C 12 -1.89 -7.25 23.79
N ASP C 13 -0.97 -8.09 24.28
CA ASP C 13 0.02 -7.64 25.25
C ASP C 13 1.08 -6.74 24.63
N GLU C 14 1.64 -7.17 23.51
CA GLU C 14 2.66 -6.39 22.81
C GLU C 14 2.10 -5.01 22.44
N ASN C 15 0.82 -4.97 22.05
CA ASN C 15 0.12 -3.74 21.68
C ASN C 15 0.16 -2.77 22.87
N GLN C 16 -0.13 -3.29 24.05
CA GLN C 16 -0.14 -2.51 25.28
C GLN C 16 1.23 -2.08 25.80
N LYS C 17 2.26 -2.86 25.55
CA LYS C 17 3.59 -2.52 26.07
C LYS C 17 4.60 -1.83 25.14
N TYR C 18 4.27 -1.65 23.86
CA TYR C 18 5.20 -1.01 22.94
C TYR C 18 4.56 -0.07 21.93
N ASP C 19 5.18 1.10 21.73
CA ASP C 19 4.67 2.09 20.78
C ASP C 19 5.65 2.37 19.66
N VAL C 20 5.32 1.87 18.47
CA VAL C 20 6.16 2.09 17.29
C VAL C 20 6.24 3.60 17.05
N CYS C 21 7.43 4.10 16.74
CA CYS C 21 7.55 5.53 16.51
C CYS C 21 8.49 6.04 15.42
N GLY C 22 9.28 5.16 14.82
CA GLY C 22 10.17 5.64 13.77
C GLY C 22 10.92 4.58 13.02
N ILE C 23 11.57 5.01 11.94
CA ILE C 23 12.39 4.15 11.09
C ILE C 23 13.80 4.44 11.58
N ILE C 24 14.60 3.42 11.84
CA ILE C 24 15.95 3.67 12.32
C ILE C 24 16.93 3.17 11.27
N SER C 25 18.04 3.88 11.13
CA SER C 25 19.07 3.50 10.18
C SER C 25 20.17 2.74 10.92
N ALA C 26 21.04 2.06 10.17
CA ALA C 26 22.14 1.29 10.75
C ALA C 26 23.10 2.22 11.50
N GLU C 27 23.05 3.49 11.13
CA GLU C 27 23.88 4.54 11.72
C GLU C 27 23.21 5.16 12.95
N GLY C 28 22.00 4.74 13.27
CA GLY C 28 21.31 5.29 14.42
C GLY C 28 20.44 6.51 14.19
N LYS C 29 20.26 6.90 12.93
CA LYS C 29 19.41 8.06 12.63
C LYS C 29 17.95 7.60 12.55
N ILE C 30 17.05 8.38 13.13
CA ILE C 30 15.63 8.04 13.17
C ILE C 30 14.71 8.96 12.36
N TYR C 31 13.91 8.37 11.49
CA TYR C 31 12.98 9.10 10.64
C TYR C 31 11.56 8.86 11.15
N PRO C 32 10.84 9.94 11.49
CA PRO C 32 9.47 9.87 12.01
C PRO C 32 8.50 9.16 11.07
N LEU C 33 7.45 8.58 11.65
CA LEU C 33 6.47 7.86 10.86
C LEU C 33 5.41 8.77 10.26
N GLY C 34 4.59 8.19 9.41
CA GLY C 34 3.50 8.92 8.77
C GLY C 34 2.22 8.44 9.44
N SER C 35 1.16 9.20 9.30
CA SER C 35 -0.11 8.85 9.92
C SER C 35 -1.18 8.20 9.05
N ASP C 36 -0.84 7.86 7.80
CA ASP C 36 -1.80 7.24 6.90
C ASP C 36 -1.79 5.72 6.99
N THR C 37 -2.86 5.09 6.50
CA THR C 37 -2.97 3.64 6.56
C THR C 37 -1.91 2.87 5.77
N LYS C 38 -1.52 3.36 4.59
CA LYS C 38 -0.50 2.66 3.80
C LYS C 38 0.76 2.43 4.63
N VAL C 39 1.16 3.44 5.41
CA VAL C 39 2.35 3.38 6.26
C VAL C 39 2.10 2.47 7.48
N LEU C 40 1.06 2.78 8.24
CA LEU C 40 0.73 2.03 9.45
C LEU C 40 0.37 0.56 9.25
N SER C 41 -0.32 0.23 8.18
CA SER C 41 -0.67 -1.18 7.92
C SER C 41 0.63 -1.96 7.73
N THR C 42 1.58 -1.34 7.05
CA THR C 42 2.87 -1.96 6.81
C THR C 42 3.61 -2.17 8.15
N ILE C 43 3.53 -1.15 9.00
CA ILE C 43 4.17 -1.17 10.32
C ILE C 43 3.55 -2.23 11.22
N PHE C 44 2.22 -2.23 11.33
CA PHE C 44 1.51 -3.20 12.15
C PHE C 44 1.82 -4.65 11.76
N GLU C 45 2.04 -4.91 10.47
CA GLU C 45 2.39 -6.27 10.06
C GLU C 45 3.80 -6.59 10.56
N LEU C 46 4.74 -5.67 10.39
CA LEU C 46 6.11 -5.91 10.81
C LEU C 46 6.19 -6.06 12.34
N PHE C 47 5.28 -5.37 13.03
CA PHE C 47 5.20 -5.41 14.49
C PHE C 47 4.68 -6.78 14.94
N SER C 48 3.74 -7.32 14.16
CA SER C 48 3.12 -8.62 14.44
C SER C 48 4.00 -9.83 14.11
N ARG C 49 4.84 -9.70 13.08
CA ARG C 49 5.69 -10.80 12.63
C ARG C 49 6.43 -11.61 13.70
N PRO C 50 7.27 -10.97 14.55
CA PRO C 50 7.99 -11.73 15.58
C PRO C 50 7.09 -12.42 16.60
N ILE C 51 5.96 -11.80 16.91
CA ILE C 51 5.01 -12.37 17.85
C ILE C 51 4.38 -13.64 17.27
N ILE C 52 3.95 -13.55 16.01
CA ILE C 52 3.34 -14.69 15.32
C ILE C 52 4.33 -15.85 15.29
N ASN C 53 5.56 -15.58 14.86
CA ASN C 53 6.61 -16.61 14.78
C ASN C 53 6.90 -17.22 16.14
N LYS C 54 6.94 -16.41 17.18
CA LYS C 54 7.20 -16.91 18.53
C LYS C 54 6.15 -17.91 18.96
N ILE C 55 4.89 -17.47 18.99
CA ILE C 55 3.77 -18.33 19.39
C ILE C 55 3.67 -19.58 18.52
N ALA C 56 3.85 -19.42 17.21
CA ALA C 56 3.79 -20.54 16.28
C ALA C 56 4.81 -21.61 16.63
N GLU C 57 6.06 -21.18 16.80
CA GLU C 57 7.15 -22.10 17.13
C GLU C 57 6.83 -22.81 18.45
N LYS C 58 6.26 -22.07 19.39
CA LYS C 58 5.92 -22.60 20.70
C LYS C 58 4.92 -23.76 20.57
N HIS C 59 4.13 -23.75 19.48
CA HIS C 59 3.15 -24.79 19.23
C HIS C 59 3.61 -25.72 18.13
N GLY C 60 4.88 -25.64 17.76
CA GLY C 60 5.44 -26.49 16.73
C GLY C 60 4.97 -26.21 15.31
N TYR C 61 4.54 -24.98 15.05
CA TYR C 61 4.06 -24.61 13.71
C TYR C 61 5.17 -23.88 12.97
N ILE C 62 5.28 -24.17 11.68
CA ILE C 62 6.25 -23.47 10.86
C ILE C 62 5.47 -22.28 10.31
N VAL C 63 6.15 -21.15 10.12
CA VAL C 63 5.52 -19.96 9.57
C VAL C 63 6.15 -19.69 8.20
N GLU C 64 5.31 -19.40 7.20
CA GLU C 64 5.78 -19.11 5.85
C GLU C 64 5.05 -17.90 5.30
N GLU C 65 5.80 -16.93 4.78
CA GLU C 65 5.22 -15.72 4.20
C GLU C 65 5.28 -15.88 2.68
N PRO C 66 4.46 -15.13 1.93
CA PRO C 66 4.47 -15.25 0.47
C PRO C 66 5.83 -14.94 -0.12
N LYS C 67 6.14 -15.57 -1.26
CA LYS C 67 7.39 -15.34 -1.96
C LYS C 67 7.16 -14.29 -3.05
N GLN C 68 5.94 -13.76 -3.12
CA GLN C 68 5.59 -12.75 -4.11
C GLN C 68 4.44 -11.88 -3.59
N GLN C 69 4.39 -10.63 -4.03
CA GLN C 69 3.40 -9.66 -3.59
C GLN C 69 1.93 -9.94 -3.86
N ASN C 70 1.61 -10.70 -4.90
CA ASN C 70 0.21 -10.92 -5.21
C ASN C 70 -0.38 -12.23 -4.69
N HIS C 71 0.12 -12.67 -3.54
CA HIS C 71 -0.34 -13.89 -2.90
C HIS C 71 -0.85 -13.65 -1.47
N TYR C 72 -1.96 -14.28 -1.14
CA TYR C 72 -2.55 -14.27 0.20
C TYR C 72 -2.08 -15.62 0.74
N PRO C 73 -1.89 -15.76 2.07
CA PRO C 73 -2.06 -14.78 3.16
C PRO C 73 -0.71 -14.25 3.62
N ASP C 74 -0.76 -13.34 4.59
CA ASP C 74 0.46 -12.75 5.13
C ASP C 74 1.32 -13.82 5.77
N PHE C 75 0.69 -14.72 6.51
CA PHE C 75 1.39 -15.80 7.18
C PHE C 75 0.61 -17.10 7.06
N THR C 76 1.32 -18.15 6.69
CA THR C 76 0.75 -19.49 6.57
C THR C 76 1.42 -20.31 7.67
N LEU C 77 0.61 -20.84 8.59
CA LEU C 77 1.12 -21.67 9.69
C LEU C 77 0.68 -23.12 9.50
N TYR C 78 1.61 -24.05 9.69
CA TYR C 78 1.28 -25.46 9.57
C TYR C 78 2.29 -26.34 10.29
N LYS C 79 1.80 -27.47 10.80
CA LYS C 79 2.64 -28.47 11.46
C LYS C 79 3.01 -29.45 10.34
N PRO C 80 4.24 -29.96 10.34
CA PRO C 80 4.65 -30.91 9.31
C PRO C 80 3.71 -32.12 9.25
N SER C 81 3.17 -32.52 10.39
CA SER C 81 2.25 -33.65 10.49
C SER C 81 0.86 -33.39 9.92
N GLU C 82 0.48 -32.12 9.79
CA GLU C 82 -0.83 -31.73 9.28
C GLU C 82 -0.73 -30.78 8.08
N PRO C 83 -0.21 -31.27 6.94
CA PRO C 83 -0.08 -30.44 5.73
C PRO C 83 -1.40 -29.90 5.17
N ASN C 84 -2.52 -30.55 5.48
CA ASN C 84 -3.80 -30.10 4.99
C ASN C 84 -4.66 -29.46 6.05
N LYS C 85 -4.00 -28.97 7.09
CA LYS C 85 -4.68 -28.25 8.17
C LYS C 85 -3.92 -26.95 8.38
N LYS C 86 -3.61 -26.27 7.28
CA LYS C 86 -2.88 -25.02 7.36
C LYS C 86 -3.77 -23.91 7.90
N ILE C 87 -3.14 -22.92 8.51
CA ILE C 87 -3.87 -21.80 9.07
C ILE C 87 -3.33 -20.52 8.43
N ALA C 88 -4.24 -19.79 7.79
CA ALA C 88 -3.89 -18.52 7.14
C ALA C 88 -4.15 -17.43 8.17
N ILE C 89 -3.14 -16.59 8.41
CA ILE C 89 -3.30 -15.47 9.33
C ILE C 89 -2.99 -14.24 8.49
N ASP C 90 -3.96 -13.34 8.39
CA ASP C 90 -3.82 -12.15 7.58
C ASP C 90 -3.97 -10.86 8.41
N ILE C 91 -3.03 -9.95 8.24
CA ILE C 91 -3.06 -8.67 8.96
C ILE C 91 -3.83 -7.63 8.15
N LYS C 92 -4.81 -6.98 8.80
CA LYS C 92 -5.61 -5.96 8.16
C LYS C 92 -5.75 -4.73 9.07
N THR C 93 -5.74 -3.55 8.47
CA THR C 93 -5.81 -2.31 9.21
C THR C 93 -6.81 -1.32 8.65
N THR C 94 -7.38 -0.51 9.52
CA THR C 94 -8.29 0.55 9.15
C THR C 94 -8.18 1.58 10.25
N TYR C 95 -8.80 2.73 10.06
CA TYR C 95 -8.70 3.75 11.06
C TYR C 95 -10.03 4.35 11.48
N THR C 96 -9.96 5.24 12.45
CA THR C 96 -11.11 5.91 12.99
C THR C 96 -10.67 7.36 13.24
N ASN C 97 -11.54 8.33 13.00
CA ASN C 97 -11.18 9.72 13.24
C ASN C 97 -11.27 10.00 14.73
N LYS C 98 -12.35 9.47 15.33
CA LYS C 98 -12.57 9.61 16.75
C LYS C 98 -12.64 8.16 17.25
N GLU C 99 -12.05 7.91 18.40
CA GLU C 99 -12.07 6.57 18.96
C GLU C 99 -13.50 6.07 19.17
N ASN C 100 -13.68 4.76 19.01
CA ASN C 100 -14.97 4.08 19.17
C ASN C 100 -16.00 4.24 18.06
N GLU C 101 -15.62 4.85 16.93
CA GLU C 101 -16.55 5.00 15.81
C GLU C 101 -16.66 3.64 15.10
N LYS C 102 -17.59 3.53 14.16
CA LYS C 102 -17.76 2.29 13.40
C LYS C 102 -16.58 2.12 12.44
N ILE C 103 -16.26 0.88 12.12
CA ILE C 103 -15.15 0.59 11.24
C ILE C 103 -15.55 -0.51 10.27
N LYS C 104 -14.75 -0.66 9.22
CA LYS C 104 -14.97 -1.68 8.22
C LYS C 104 -13.62 -2.04 7.62
N PHE C 105 -13.48 -3.28 7.18
CA PHE C 105 -12.24 -3.75 6.60
C PHE C 105 -12.54 -4.36 5.24
N THR C 106 -11.53 -4.38 4.39
CA THR C 106 -11.61 -5.00 3.07
C THR C 106 -11.02 -6.39 3.33
N LEU C 107 -11.85 -7.42 3.21
CA LEU C 107 -11.43 -8.77 3.52
C LEU C 107 -10.88 -9.65 2.39
N GLY C 108 -10.09 -9.06 1.50
CA GLY C 108 -9.51 -9.85 0.43
C GLY C 108 -10.42 -9.97 -0.76
N GLY C 109 -9.86 -10.40 -1.89
CA GLY C 109 -10.65 -10.52 -3.09
C GLY C 109 -11.67 -11.63 -3.05
N TYR C 110 -12.73 -11.51 -3.83
CA TYR C 110 -13.73 -12.57 -3.90
C TYR C 110 -13.68 -13.29 -5.26
N THR C 111 -12.69 -12.94 -6.10
CA THR C 111 -12.57 -13.57 -7.41
C THR C 111 -11.24 -14.30 -7.62
N SER C 112 -10.42 -14.41 -6.56
CA SER C 112 -9.15 -15.10 -6.70
C SER C 112 -9.25 -16.51 -6.09
N PHE C 113 -8.56 -16.74 -4.98
CA PHE C 113 -8.55 -18.04 -4.31
C PHE C 113 -9.90 -18.55 -3.84
N ILE C 114 -10.85 -17.67 -3.55
CA ILE C 114 -12.14 -18.19 -3.12
C ILE C 114 -12.92 -18.80 -4.29
N ARG C 115 -12.54 -18.49 -5.53
CA ARG C 115 -13.23 -19.06 -6.68
C ARG C 115 -12.33 -20.01 -7.47
N ASN C 116 -11.03 -19.96 -7.21
CA ASN C 116 -10.04 -20.81 -7.88
C ASN C 116 -9.02 -21.25 -6.86
N ASN C 117 -9.06 -22.52 -6.52
CA ASN C 117 -8.19 -23.14 -5.53
C ASN C 117 -6.72 -22.73 -5.44
N THR C 118 -6.07 -22.40 -6.57
CA THR C 118 -4.64 -22.05 -6.52
C THR C 118 -4.30 -20.66 -7.06
N LYS C 119 -5.29 -19.80 -7.15
CA LYS C 119 -5.10 -18.46 -7.68
C LYS C 119 -4.82 -17.43 -6.59
N ASN C 120 -3.66 -16.78 -6.70
CA ASN C 120 -3.21 -15.73 -5.77
C ASN C 120 -3.12 -16.16 -4.30
N ILE C 121 -2.71 -17.38 -4.05
CA ILE C 121 -2.60 -17.88 -2.69
C ILE C 121 -1.32 -18.68 -2.57
N VAL C 122 -0.68 -18.65 -1.41
CA VAL C 122 0.58 -19.36 -1.20
C VAL C 122 0.43 -20.85 -1.39
N TYR C 123 -0.61 -21.43 -0.81
CA TYR C 123 -0.88 -22.85 -0.94
C TYR C 123 -2.31 -22.99 -1.41
N PRO C 124 -2.65 -24.13 -2.05
CA PRO C 124 -4.02 -24.34 -2.52
C PRO C 124 -5.01 -24.06 -1.38
N PHE C 125 -6.06 -23.31 -1.69
CA PHE C 125 -7.08 -22.91 -0.73
C PHE C 125 -7.60 -24.09 0.11
N ASP C 126 -7.77 -25.25 -0.52
CA ASP C 126 -8.30 -26.41 0.18
C ASP C 126 -7.32 -27.09 1.15
N GLN C 127 -6.15 -26.50 1.35
CA GLN C 127 -5.19 -27.05 2.33
C GLN C 127 -5.27 -26.27 3.63
N TYR C 128 -6.10 -25.21 3.65
CA TYR C 128 -6.26 -24.39 4.86
C TYR C 128 -7.61 -24.71 5.51
N ILE C 129 -7.59 -24.89 6.83
CA ILE C 129 -8.83 -25.17 7.56
C ILE C 129 -9.30 -23.95 8.34
N ALA C 130 -8.46 -22.93 8.41
CA ALA C 130 -8.82 -21.73 9.13
C ALA C 130 -8.21 -20.50 8.45
N HIS C 131 -8.95 -19.40 8.50
CA HIS C 131 -8.54 -18.14 7.90
C HIS C 131 -8.80 -17.09 8.96
N TRP C 132 -7.74 -16.71 9.66
CA TRP C 132 -7.83 -15.72 10.72
C TRP C 132 -7.39 -14.35 10.24
N ILE C 133 -7.98 -13.34 10.85
CA ILE C 133 -7.66 -11.96 10.55
C ILE C 133 -7.22 -11.28 11.84
N ILE C 134 -6.01 -10.72 11.81
CA ILE C 134 -5.50 -9.95 12.93
C ILE C 134 -5.83 -8.52 12.50
N GLY C 135 -6.90 -7.96 13.05
CA GLY C 135 -7.31 -6.61 12.70
C GLY C 135 -6.78 -5.53 13.62
N TYR C 136 -6.25 -4.46 13.02
CA TYR C 136 -5.72 -3.33 13.77
C TYR C 136 -6.55 -2.10 13.44
N VAL C 137 -6.92 -1.35 14.46
CA VAL C 137 -7.67 -0.12 14.27
C VAL C 137 -6.92 0.96 15.03
N TYR C 138 -6.60 2.06 14.36
CA TYR C 138 -5.88 3.15 15.02
C TYR C 138 -6.69 4.43 14.86
N THR C 139 -6.55 5.35 15.81
CA THR C 139 -7.25 6.62 15.72
C THR C 139 -6.24 7.55 15.06
N ARG C 140 -6.65 8.16 13.96
CA ARG C 140 -5.78 9.06 13.20
C ARG C 140 -5.39 10.33 13.97
N VAL C 141 -4.16 10.78 13.77
CA VAL C 141 -3.65 11.99 14.42
C VAL C 141 -3.14 12.96 13.37
N LYS C 145 6.71 21.35 12.40
CA LYS C 145 6.26 20.23 13.21
C LYS C 145 7.36 19.18 13.39
N SER C 146 7.44 18.68 14.61
CA SER C 146 8.42 17.68 15.03
C SER C 146 8.55 16.46 14.09
N SER C 147 7.44 16.00 13.55
CA SER C 147 7.45 14.84 12.65
C SER C 147 8.24 15.08 11.35
N LEU C 148 8.62 16.32 11.10
CA LEU C 148 9.34 16.69 9.88
C LEU C 148 10.87 16.61 9.89
N LYS C 149 11.48 16.43 11.07
CA LYS C 149 12.93 16.34 11.16
C LYS C 149 13.36 14.96 11.66
N THR C 150 14.65 14.66 11.58
CA THR C 150 15.16 13.37 12.05
C THR C 150 15.56 13.45 13.52
N TYR C 151 15.61 12.31 14.19
CA TYR C 151 15.96 12.25 15.60
C TYR C 151 17.11 11.31 15.90
N ASN C 152 17.67 11.46 17.11
CA ASN C 152 18.76 10.63 17.59
C ASN C 152 18.07 9.63 18.51
N ILE C 153 18.75 8.56 18.88
CA ILE C 153 18.18 7.55 19.78
C ILE C 153 17.84 8.14 21.14
N ILE C 159 9.77 11.94 19.83
CA ILE C 159 9.18 11.68 18.51
C ILE C 159 7.68 11.45 18.65
N PRO C 160 6.86 12.32 18.04
CA PRO C 160 5.41 12.16 18.12
C PRO C 160 4.97 10.86 17.44
N LYS C 161 3.99 10.20 18.03
CA LYS C 161 3.48 8.96 17.46
C LYS C 161 2.39 9.32 16.46
N PRO C 162 2.39 8.67 15.29
CA PRO C 162 1.38 8.94 14.25
C PRO C 162 0.01 8.29 14.48
N TYR C 163 -0.44 8.22 15.72
CA TYR C 163 -1.74 7.61 16.05
C TYR C 163 -2.04 7.91 17.52
N LYS C 164 -3.31 8.03 17.85
CA LYS C 164 -3.72 8.34 19.22
C LYS C 164 -3.84 7.08 20.07
N GLY C 165 -4.42 6.04 19.49
CA GLY C 165 -4.59 4.78 20.19
C GLY C 165 -4.70 3.66 19.16
N VAL C 166 -4.39 2.44 19.55
CA VAL C 166 -4.46 1.29 18.66
C VAL C 166 -5.09 0.08 19.35
N LYS C 167 -6.04 -0.57 18.67
CA LYS C 167 -6.70 -1.76 19.20
C LYS C 167 -6.46 -2.91 18.25
N VAL C 168 -6.41 -4.12 18.79
CA VAL C 168 -6.17 -5.31 17.98
C VAL C 168 -7.12 -6.45 18.35
N PHE C 169 -7.51 -7.22 17.33
CA PHE C 169 -8.37 -8.37 17.54
C PHE C 169 -7.92 -9.48 16.62
N LEU C 170 -8.33 -10.70 16.96
CA LEU C 170 -8.03 -11.89 16.18
C LEU C 170 -9.39 -12.56 16.02
N GLN C 171 -9.78 -12.79 14.77
CA GLN C 171 -11.09 -13.38 14.51
C GLN C 171 -11.09 -14.09 13.16
N ASP C 172 -12.00 -15.05 13.01
CA ASP C 172 -12.11 -15.79 11.74
C ASP C 172 -12.67 -14.84 10.69
N LYS C 173 -12.14 -14.96 9.47
CA LYS C 173 -12.58 -14.13 8.36
C LYS C 173 -14.08 -14.27 8.11
N TRP C 174 -14.57 -15.52 8.00
CA TRP C 174 -15.98 -15.72 7.73
C TRP C 174 -16.90 -15.11 8.77
N VAL C 175 -16.43 -15.08 10.02
CA VAL C 175 -17.21 -14.56 11.13
C VAL C 175 -17.46 -13.05 11.07
N ILE C 176 -16.49 -12.29 10.56
CA ILE C 176 -16.64 -10.84 10.50
C ILE C 176 -17.03 -10.35 9.11
N ALA C 177 -17.24 -11.30 8.20
CA ALA C 177 -17.63 -10.95 6.83
C ALA C 177 -19.03 -10.33 6.77
N GLY C 178 -19.18 -9.38 5.85
CA GLY C 178 -20.44 -8.70 5.64
C GLY C 178 -21.00 -9.12 4.29
N ASP C 179 -22.06 -8.46 3.85
CA ASP C 179 -22.68 -8.80 2.57
C ASP C 179 -22.49 -7.75 1.46
N LEU C 180 -21.78 -6.67 1.76
CA LEU C 180 -21.53 -5.62 0.75
C LEU C 180 -20.04 -5.60 0.46
N ALA C 181 -19.67 -5.47 -0.80
CA ALA C 181 -18.27 -5.45 -1.20
C ALA C 181 -17.45 -4.38 -0.47
N GLY C 182 -16.19 -4.70 -0.23
CA GLY C 182 -15.28 -3.77 0.42
C GLY C 182 -14.62 -2.86 -0.59
N SER C 183 -14.63 -3.27 -1.86
CA SER C 183 -14.05 -2.47 -2.93
C SER C 183 -14.71 -2.82 -4.28
N GLY C 184 -14.67 -1.87 -5.21
CA GLY C 184 -15.27 -2.07 -6.52
C GLY C 184 -14.38 -2.73 -7.55
N ASN C 185 -13.48 -1.96 -8.17
CA ASN C 185 -12.62 -2.51 -9.21
C ASN C 185 -11.68 -3.63 -8.74
N THR C 186 -11.36 -3.64 -7.45
CA THR C 186 -10.48 -4.68 -6.92
C THR C 186 -11.27 -5.81 -6.25
N THR C 187 -12.59 -5.79 -6.46
CA THR C 187 -13.49 -6.83 -5.97
C THR C 187 -13.15 -7.51 -4.64
N ASN C 188 -13.22 -6.75 -3.55
CA ASN C 188 -12.93 -7.29 -2.22
C ASN C 188 -14.20 -7.56 -1.45
N ILE C 189 -14.11 -8.57 -0.59
CA ILE C 189 -15.20 -8.92 0.29
C ILE C 189 -15.18 -7.79 1.32
N GLY C 190 -16.34 -7.35 1.79
CA GLY C 190 -16.39 -6.30 2.78
C GLY C 190 -16.75 -6.92 4.11
N SER C 191 -16.23 -6.38 5.20
CA SER C 191 -16.56 -6.90 6.52
C SER C 191 -17.85 -6.23 6.97
N ILE C 192 -18.32 -6.56 8.17
CA ILE C 192 -19.49 -5.88 8.71
C ILE C 192 -19.00 -4.45 8.97
N HIS C 193 -19.91 -3.50 9.07
CA HIS C 193 -19.58 -2.10 9.36
C HIS C 193 -20.08 -2.00 10.80
N ALA C 194 -19.18 -2.12 11.75
CA ALA C 194 -19.56 -2.13 13.16
C ALA C 194 -18.46 -1.64 14.09
N HIS C 195 -18.78 -1.59 15.39
CA HIS C 195 -17.82 -1.16 16.40
C HIS C 195 -16.85 -2.29 16.68
N TYR C 196 -15.67 -1.93 17.16
CA TYR C 196 -14.61 -2.87 17.48
C TYR C 196 -15.09 -4.13 18.22
N LYS C 197 -15.90 -3.96 19.26
CA LYS C 197 -16.40 -5.08 20.05
C LYS C 197 -17.15 -6.14 19.23
N ASP C 198 -17.84 -5.73 18.17
CA ASP C 198 -18.57 -6.69 17.35
C ASP C 198 -17.63 -7.61 16.59
N PHE C 199 -16.46 -7.10 16.25
CA PHE C 199 -15.45 -7.90 15.58
C PHE C 199 -14.90 -8.89 16.61
N VAL C 200 -14.62 -8.39 17.81
CA VAL C 200 -14.11 -9.25 18.88
C VAL C 200 -15.12 -10.37 19.20
N GLU C 201 -16.38 -9.98 19.35
CA GLU C 201 -17.43 -10.94 19.69
C GLU C 201 -17.90 -11.80 18.52
N GLY C 202 -17.52 -11.42 17.30
CA GLY C 202 -17.89 -12.19 16.12
C GLY C 202 -19.35 -12.05 15.69
N LYS C 203 -19.87 -10.84 15.80
CA LYS C 203 -21.27 -10.58 15.45
C LYS C 203 -21.44 -10.27 13.95
N GLY C 204 -21.11 -11.24 13.10
CA GLY C 204 -21.23 -11.07 11.66
C GLY C 204 -22.64 -11.35 11.18
N ILE C 205 -22.82 -11.53 9.88
CA ILE C 205 -24.16 -11.80 9.35
C ILE C 205 -24.41 -13.22 8.87
N PHE C 206 -23.36 -13.93 8.48
CA PHE C 206 -23.50 -15.30 7.98
C PHE C 206 -23.73 -16.30 9.09
N ASP C 207 -24.43 -17.39 8.75
CA ASP C 207 -24.74 -18.44 9.73
C ASP C 207 -23.65 -19.49 9.81
N SER C 208 -22.90 -19.65 8.73
CA SER C 208 -21.85 -20.64 8.70
C SER C 208 -20.79 -20.18 7.72
N GLU C 209 -19.62 -20.80 7.79
CA GLU C 209 -18.54 -20.48 6.88
C GLU C 209 -18.99 -20.88 5.47
N ASP C 210 -19.79 -21.94 5.38
CA ASP C 210 -20.28 -22.40 4.09
C ASP C 210 -21.17 -21.35 3.44
N GLU C 211 -22.02 -20.70 4.23
CA GLU C 211 -22.91 -19.66 3.70
C GLU C 211 -22.03 -18.49 3.22
N PHE C 212 -21.03 -18.14 4.02
CA PHE C 212 -20.10 -17.05 3.67
C PHE C 212 -19.47 -17.33 2.31
N LEU C 213 -18.89 -18.51 2.16
CA LEU C 213 -18.26 -18.90 0.91
C LEU C 213 -19.22 -18.89 -0.27
N ASP C 214 -20.41 -19.48 -0.11
CA ASP C 214 -21.37 -19.52 -1.20
C ASP C 214 -21.80 -18.11 -1.63
N TYR C 215 -22.02 -17.25 -0.64
CA TYR C 215 -22.43 -15.88 -0.92
C TYR C 215 -21.37 -15.14 -1.73
N TRP C 216 -20.12 -15.17 -1.27
CA TRP C 216 -19.07 -14.47 -1.99
C TRP C 216 -18.61 -15.13 -3.28
N ARG C 217 -18.90 -16.42 -3.42
CA ARG C 217 -18.54 -17.14 -4.64
C ARG C 217 -19.55 -16.86 -5.76
N ASN C 218 -20.73 -16.35 -5.40
CA ASN C 218 -21.78 -16.05 -6.39
C ASN C 218 -22.25 -14.59 -6.40
N TYR C 219 -21.49 -13.73 -5.73
CA TYR C 219 -21.81 -12.30 -5.68
C TYR C 219 -21.33 -11.72 -7.02
N GLU C 220 -22.22 -11.02 -7.72
CA GLU C 220 -21.86 -10.42 -9.00
C GLU C 220 -21.05 -9.13 -8.76
N ARG C 221 -20.20 -8.77 -9.71
CA ARG C 221 -19.33 -7.60 -9.57
C ARG C 221 -19.90 -6.19 -9.56
N THR C 222 -21.10 -5.99 -10.11
CA THR C 222 -21.67 -4.65 -10.15
C THR C 222 -23.11 -4.60 -9.68
N SER C 223 -23.57 -3.43 -9.29
CA SER C 223 -24.92 -3.23 -8.79
C SER C 223 -25.92 -3.69 -9.84
N GLN C 224 -25.58 -3.45 -11.10
CA GLN C 224 -26.42 -3.83 -12.24
C GLN C 224 -26.74 -5.30 -12.16
N LEU C 225 -25.69 -6.12 -12.19
CA LEU C 225 -25.85 -7.56 -12.12
C LEU C 225 -26.49 -8.02 -10.81
N ARG C 226 -26.04 -7.45 -9.69
CA ARG C 226 -26.60 -7.82 -8.40
C ARG C 226 -28.07 -7.49 -8.33
N ASN C 227 -28.48 -6.50 -9.11
CA ASN C 227 -29.87 -6.05 -9.15
C ASN C 227 -30.83 -7.17 -9.49
N ASP C 228 -30.40 -8.11 -10.32
CA ASP C 228 -31.26 -9.21 -10.71
C ASP C 228 -30.87 -10.56 -10.10
N LYS C 229 -30.10 -10.53 -9.02
CA LYS C 229 -29.67 -11.76 -8.35
C LYS C 229 -29.77 -11.50 -6.84
N TYR C 230 -28.72 -10.96 -6.25
CA TYR C 230 -28.77 -10.60 -4.83
C TYR C 230 -27.68 -9.59 -4.50
N ASN C 231 -28.08 -8.56 -3.74
CA ASN C 231 -27.17 -7.50 -3.34
C ASN C 231 -26.89 -7.48 -1.85
N ASN C 232 -27.59 -8.32 -1.10
CA ASN C 232 -27.43 -8.40 0.35
C ASN C 232 -27.82 -9.80 0.83
N ILE C 233 -27.65 -10.05 2.13
CA ILE C 233 -27.93 -11.36 2.70
C ILE C 233 -29.39 -11.82 2.55
N SER C 234 -30.34 -10.94 2.84
CA SER C 234 -31.75 -11.29 2.74
C SER C 234 -32.10 -11.73 1.34
N GLU C 235 -31.60 -11.01 0.35
CA GLU C 235 -31.85 -11.35 -1.05
C GLU C 235 -31.20 -12.66 -1.41
N TYR C 236 -30.01 -12.90 -0.87
CA TYR C 236 -29.27 -14.13 -1.13
C TYR C 236 -30.08 -15.33 -0.59
N ARG C 237 -30.62 -15.18 0.62
CA ARG C 237 -31.42 -16.24 1.23
C ARG C 237 -32.69 -16.49 0.44
N ASN C 238 -33.23 -15.43 -0.17
CA ASN C 238 -34.42 -15.55 -1.01
C ASN C 238 -34.00 -16.31 -2.29
N TRP C 239 -32.85 -15.92 -2.85
CA TRP C 239 -32.30 -16.54 -4.06
C TRP C 239 -32.09 -18.05 -3.82
N ILE C 240 -31.58 -18.38 -2.64
CA ILE C 240 -31.33 -19.75 -2.20
C ILE C 240 -32.66 -20.50 -2.06
N TYR C 241 -33.60 -19.86 -1.37
CA TYR C 241 -34.90 -20.47 -1.15
C TYR C 241 -35.56 -20.89 -2.46
N ARG C 242 -35.49 -20.01 -3.46
CA ARG C 242 -36.08 -20.23 -4.78
C ARG C 242 -35.39 -21.28 -5.64
N GLY C 243 -34.17 -21.65 -5.31
CA GLY C 243 -33.46 -22.62 -6.10
C GLY C 243 -32.29 -22.05 -6.87
N ARG C 244 -31.70 -20.97 -6.35
CA ARG C 244 -30.55 -20.32 -6.97
C ARG C 244 -30.93 -19.82 -8.37
N LYS C 245 -32.04 -19.11 -8.45
CA LYS C 245 -32.55 -18.59 -9.72
C LYS C 245 -33.34 -17.31 -9.54
N SER D 2 19.71 25.65 -7.41
CA SER D 2 18.23 25.86 -7.39
C SER D 2 17.63 24.87 -6.39
N LEU D 3 16.31 24.97 -6.21
CA LEU D 3 15.56 24.06 -5.34
C LEU D 3 15.78 22.65 -5.90
N ARG D 4 15.62 22.51 -7.20
CA ARG D 4 15.78 21.22 -7.85
C ARG D 4 17.16 20.60 -7.65
N SER D 5 18.21 21.34 -7.99
CA SER D 5 19.57 20.81 -7.87
C SER D 5 19.93 20.51 -6.40
N ASP D 6 19.52 21.39 -5.50
CA ASP D 6 19.80 21.20 -4.07
C ASP D 6 19.06 19.97 -3.55
N LEU D 7 17.83 19.78 -4.02
CA LEU D 7 17.03 18.64 -3.57
C LEU D 7 17.64 17.31 -3.99
N ILE D 8 18.03 17.16 -5.26
CA ILE D 8 18.61 15.90 -5.69
C ILE D 8 20.01 15.69 -5.11
N ASN D 9 20.74 16.77 -4.84
CA ASN D 9 22.07 16.64 -4.23
C ASN D 9 21.88 16.10 -2.81
N ALA D 10 20.88 16.63 -2.12
CA ALA D 10 20.52 16.23 -0.76
C ALA D 10 20.02 14.79 -0.73
N LEU D 11 19.20 14.41 -1.70
CA LEU D 11 18.69 13.05 -1.77
C LEU D 11 19.81 12.06 -2.01
N TYR D 12 20.74 12.41 -2.91
CA TYR D 12 21.86 11.52 -3.22
C TYR D 12 22.71 11.29 -1.97
N ASP D 13 23.09 12.39 -1.32
CA ASP D 13 23.92 12.31 -0.12
C ASP D 13 23.27 11.52 1.01
N GLU D 14 21.98 11.75 1.22
CA GLU D 14 21.26 11.05 2.27
C GLU D 14 21.23 9.56 1.93
N ASN D 15 21.07 9.24 0.65
CA ASN D 15 21.02 7.85 0.23
C ASN D 15 22.38 7.18 0.42
N GLN D 16 23.45 7.93 0.19
CA GLN D 16 24.81 7.41 0.35
C GLN D 16 25.18 7.20 1.81
N LYS D 17 24.75 8.12 2.67
CA LYS D 17 25.08 8.09 4.07
C LYS D 17 24.30 7.22 5.04
N TYR D 18 23.05 6.89 4.73
CA TYR D 18 22.26 6.10 5.68
C TYR D 18 21.50 4.91 5.12
N ASP D 19 21.42 3.86 5.93
CA ASP D 19 20.72 2.63 5.56
C ASP D 19 19.59 2.31 6.52
N VAL D 20 18.35 2.50 6.09
CA VAL D 20 17.21 2.18 6.94
C VAL D 20 17.26 0.67 7.18
N CYS D 21 17.07 0.27 8.43
CA CYS D 21 17.11 -1.15 8.75
C CYS D 21 16.03 -1.66 9.71
N GLY D 22 15.18 -0.78 10.22
CA GLY D 22 14.15 -1.26 11.13
C GLY D 22 13.21 -0.22 11.67
N ILE D 23 12.18 -0.69 12.35
CA ILE D 23 11.18 0.17 12.98
C ILE D 23 11.51 0.15 14.46
N ILE D 24 11.65 1.33 15.06
CA ILE D 24 11.96 1.40 16.47
C ILE D 24 10.77 1.91 17.28
N SER D 25 10.58 1.32 18.46
CA SER D 25 9.51 1.71 19.36
C SER D 25 10.04 2.69 20.40
N ALA D 26 9.15 3.38 21.10
CA ALA D 26 9.53 4.35 22.12
C ALA D 26 10.31 3.70 23.26
N GLU D 27 10.16 2.38 23.39
CA GLU D 27 10.83 1.63 24.44
C GLU D 27 12.20 1.14 23.99
N GLY D 28 12.56 1.41 22.74
CA GLY D 28 13.86 1.00 22.23
C GLY D 28 13.95 -0.36 21.55
N LYS D 29 12.83 -1.04 21.37
CA LYS D 29 12.82 -2.34 20.70
C LYS D 29 12.70 -2.11 19.19
N ILE D 30 13.51 -2.82 18.40
CA ILE D 30 13.53 -2.66 16.95
C ILE D 30 13.02 -3.89 16.19
N TYR D 31 12.09 -3.65 15.27
CA TYR D 31 11.52 -4.71 14.46
C TYR D 31 12.13 -4.60 13.06
N PRO D 32 12.65 -5.71 12.51
CA PRO D 32 13.24 -5.64 11.18
C PRO D 32 12.20 -5.38 10.08
N LEU D 33 12.70 -4.90 8.93
CA LEU D 33 11.84 -4.56 7.81
C LEU D 33 11.52 -5.73 6.88
N GLY D 34 10.63 -5.45 5.94
CA GLY D 34 10.25 -6.45 4.95
C GLY D 34 11.09 -6.17 3.72
N SER D 35 11.20 -7.17 2.84
CA SER D 35 11.99 -7.04 1.62
C SER D 35 11.14 -6.79 0.37
N ASP D 36 9.85 -6.45 0.57
CA ASP D 36 8.94 -6.20 -0.55
C ASP D 36 8.73 -4.71 -0.81
N THR D 37 8.18 -4.40 -1.98
CA THR D 37 7.97 -3.00 -2.35
C THR D 37 6.95 -2.30 -1.49
N LYS D 38 5.88 -2.99 -1.09
CA LYS D 38 4.87 -2.36 -0.24
C LYS D 38 5.50 -1.77 1.03
N VAL D 39 6.49 -2.45 1.57
CA VAL D 39 7.19 -1.99 2.76
C VAL D 39 8.16 -0.86 2.41
N LEU D 40 9.07 -1.15 1.49
CA LEU D 40 10.08 -0.21 1.07
C LEU D 40 9.58 1.12 0.49
N SER D 41 8.50 1.07 -0.28
CA SER D 41 7.94 2.29 -0.87
C SER D 41 7.58 3.25 0.26
N THR D 42 6.95 2.69 1.29
CA THR D 42 6.54 3.43 2.47
C THR D 42 7.75 4.03 3.19
N ILE D 43 8.78 3.22 3.40
CA ILE D 43 10.00 3.66 4.08
C ILE D 43 10.74 4.73 3.28
N PHE D 44 10.89 4.51 1.98
CA PHE D 44 11.57 5.45 1.12
C PHE D 44 10.94 6.83 1.13
N GLU D 45 9.62 6.89 1.18
CA GLU D 45 8.93 8.18 1.24
C GLU D 45 9.26 8.88 2.56
N LEU D 46 9.11 8.16 3.66
CA LEU D 46 9.39 8.72 4.97
C LEU D 46 10.86 9.13 5.12
N PHE D 47 11.75 8.41 4.45
CA PHE D 47 13.17 8.71 4.47
C PHE D 47 13.42 10.03 3.73
N SER D 48 12.63 10.29 2.70
CA SER D 48 12.76 11.50 1.88
C SER D 48 12.15 12.74 2.50
N ARG D 49 11.12 12.55 3.32
CA ARG D 49 10.43 13.68 3.92
C ARG D 49 11.26 14.77 4.62
N PRO D 50 12.16 14.38 5.55
CA PRO D 50 12.97 15.41 6.23
C PRO D 50 13.81 16.23 5.25
N ILE D 51 14.38 15.54 4.26
CA ILE D 51 15.20 16.19 3.25
C ILE D 51 14.40 17.17 2.40
N ILE D 52 13.21 16.75 1.97
CA ILE D 52 12.34 17.60 1.17
C ILE D 52 11.95 18.87 1.94
N ASN D 53 11.58 18.73 3.21
CA ASN D 53 11.20 19.89 4.01
C ASN D 53 12.39 20.83 4.25
N LYS D 54 13.56 20.24 4.49
CA LYS D 54 14.78 21.00 4.72
C LYS D 54 15.09 21.91 3.53
N ILE D 55 15.31 21.32 2.36
CA ILE D 55 15.64 22.06 1.15
C ILE D 55 14.55 23.06 0.77
N ALA D 56 13.29 22.67 0.90
CA ALA D 56 12.19 23.56 0.57
C ALA D 56 12.27 24.82 1.45
N GLU D 57 12.56 24.61 2.72
CA GLU D 57 12.66 25.73 3.67
C GLU D 57 13.79 26.66 3.28
N LYS D 58 14.91 26.10 2.82
CA LYS D 58 16.04 26.94 2.41
C LYS D 58 15.65 27.87 1.26
N HIS D 59 14.77 27.39 0.38
CA HIS D 59 14.34 28.16 -0.77
C HIS D 59 13.02 28.90 -0.59
N GLY D 60 12.52 28.93 0.64
CA GLY D 60 11.29 29.65 0.93
C GLY D 60 9.97 29.03 0.50
N TYR D 61 9.97 27.71 0.38
CA TYR D 61 8.77 27.00 -0.02
C TYR D 61 8.09 26.30 1.16
N ILE D 62 6.77 26.38 1.20
CA ILE D 62 5.98 25.70 2.22
C ILE D 62 5.80 24.29 1.66
N VAL D 63 5.73 23.29 2.54
CA VAL D 63 5.54 21.91 2.12
C VAL D 63 4.23 21.40 2.73
N GLU D 64 3.36 20.86 1.89
CA GLU D 64 2.08 20.35 2.35
C GLU D 64 1.91 18.91 1.87
N GLU D 65 1.40 18.06 2.74
CA GLU D 65 1.16 16.66 2.40
C GLU D 65 -0.36 16.51 2.29
N PRO D 66 -0.84 15.48 1.59
CA PRO D 66 -2.27 15.31 1.47
C PRO D 66 -2.95 15.12 2.83
N LYS D 67 -4.20 15.51 2.92
CA LYS D 67 -4.96 15.35 4.15
C LYS D 67 -5.84 14.13 3.90
N GLN D 68 -5.91 13.73 2.64
CA GLN D 68 -6.68 12.58 2.20
C GLN D 68 -5.74 11.54 1.61
N GLN D 69 -6.10 10.28 1.79
CA GLN D 69 -5.27 9.19 1.32
C GLN D 69 -5.41 8.88 -0.18
N ASN D 70 -6.43 9.45 -0.82
CA ASN D 70 -6.69 9.25 -2.25
C ASN D 70 -6.18 10.44 -3.04
N HIS D 71 -5.25 11.18 -2.47
CA HIS D 71 -4.76 12.38 -3.14
C HIS D 71 -3.29 12.38 -3.54
N TYR D 72 -3.04 12.83 -4.76
CA TYR D 72 -1.69 13.02 -5.29
C TYR D 72 -1.49 14.53 -5.02
N PRO D 73 -0.24 14.99 -4.80
CA PRO D 73 1.04 14.27 -4.75
C PRO D 73 1.48 14.08 -3.30
N ASP D 74 2.59 13.39 -3.09
CA ASP D 74 3.10 13.17 -1.74
C ASP D 74 3.42 14.51 -1.10
N PHE D 75 4.03 15.41 -1.87
CA PHE D 75 4.41 16.72 -1.37
C PHE D 75 4.10 17.83 -2.35
N THR D 76 3.46 18.88 -1.84
CA THR D 76 3.12 20.06 -2.60
C THR D 76 3.97 21.21 -2.06
N LEU D 77 4.80 21.81 -2.91
CA LEU D 77 5.64 22.95 -2.53
C LEU D 77 5.16 24.21 -3.23
N TYR D 78 5.17 25.33 -2.50
CA TYR D 78 4.78 26.61 -3.07
C TYR D 78 5.20 27.76 -2.16
N LYS D 79 5.43 28.92 -2.76
CA LYS D 79 5.78 30.11 -2.00
C LYS D 79 4.43 30.75 -1.70
N PRO D 80 4.23 31.23 -0.47
CA PRO D 80 2.95 31.84 -0.13
C PRO D 80 2.57 33.03 -1.04
N SER D 81 3.59 33.70 -1.59
CA SER D 81 3.36 34.83 -2.47
C SER D 81 2.82 34.39 -3.83
N GLU D 82 3.29 33.24 -4.31
CA GLU D 82 2.87 32.70 -5.60
C GLU D 82 2.19 31.33 -5.47
N PRO D 83 0.93 31.34 -5.04
CA PRO D 83 0.12 30.14 -4.85
C PRO D 83 -0.20 29.39 -6.14
N ASN D 84 -0.07 30.06 -7.29
CA ASN D 84 -0.36 29.42 -8.58
C ASN D 84 0.85 28.82 -9.28
N LYS D 85 1.95 28.70 -8.56
CA LYS D 85 3.15 28.12 -9.13
C LYS D 85 3.66 27.01 -8.19
N LYS D 86 2.76 26.08 -7.88
CA LYS D 86 3.08 24.95 -7.01
C LYS D 86 3.91 23.89 -7.71
N ILE D 87 4.66 23.12 -6.92
CA ILE D 87 5.51 22.04 -7.43
C ILE D 87 5.10 20.74 -6.75
N ALA D 88 4.76 19.75 -7.55
CA ALA D 88 4.35 18.45 -7.02
C ALA D 88 5.55 17.53 -7.00
N ILE D 89 5.79 16.91 -5.85
CA ILE D 89 6.90 15.98 -5.72
C ILE D 89 6.29 14.67 -5.24
N ASP D 90 6.45 13.63 -6.06
CA ASP D 90 5.89 12.33 -5.78
C ASP D 90 6.97 11.25 -5.72
N ILE D 91 6.92 10.44 -4.67
CA ILE D 91 7.88 9.34 -4.47
C ILE D 91 7.35 8.05 -5.10
N LYS D 92 8.17 7.42 -5.93
CA LYS D 92 7.86 6.17 -6.63
C LYS D 92 8.99 5.18 -6.40
N THR D 93 8.64 3.91 -6.32
CA THR D 93 9.62 2.86 -6.05
C THR D 93 9.37 1.63 -6.92
N THR D 94 10.46 0.93 -7.21
CA THR D 94 10.44 -0.31 -7.97
C THR D 94 11.71 -1.07 -7.61
N TYR D 95 11.78 -2.34 -7.99
CA TYR D 95 12.94 -3.17 -7.66
C TYR D 95 13.60 -3.80 -8.88
N THR D 96 14.81 -4.34 -8.66
CA THR D 96 15.58 -5.05 -9.68
C THR D 96 16.16 -6.28 -8.99
N ASN D 97 16.59 -7.25 -9.79
CA ASN D 97 17.16 -8.48 -9.24
C ASN D 97 18.69 -8.40 -9.23
N LYS D 102 17.09 -3.12 -16.47
CA LYS D 102 15.96 -2.33 -16.95
C LYS D 102 14.78 -2.39 -15.98
N ILE D 103 14.23 -1.21 -15.68
CA ILE D 103 13.11 -1.06 -14.76
C ILE D 103 12.00 -0.25 -15.40
N LYS D 104 10.91 -0.09 -14.65
CA LYS D 104 9.75 0.66 -15.06
C LYS D 104 8.99 1.04 -13.79
N PHE D 105 8.23 2.12 -13.88
CA PHE D 105 7.43 2.65 -12.77
C PHE D 105 6.02 2.87 -13.23
N THR D 106 5.10 2.94 -12.26
CA THR D 106 3.72 3.26 -12.51
C THR D 106 3.67 4.74 -12.13
N LEU D 107 3.41 5.59 -13.12
CA LEU D 107 3.42 7.02 -12.92
C LEU D 107 2.12 7.72 -12.54
N GLY D 108 1.22 7.01 -11.88
CA GLY D 108 -0.01 7.64 -11.46
C GLY D 108 -1.13 7.38 -12.42
N GLY D 109 -2.35 7.69 -12.00
CA GLY D 109 -3.49 7.46 -12.86
C GLY D 109 -3.56 8.38 -14.06
N TYR D 110 -4.21 7.91 -15.12
CA TYR D 110 -4.39 8.74 -16.31
C TYR D 110 -5.84 9.20 -16.47
N THR D 111 -6.70 8.86 -15.50
CA THR D 111 -8.10 9.27 -15.53
C THR D 111 -8.52 10.14 -14.36
N SER D 112 -7.59 10.48 -13.48
CA SER D 112 -7.94 11.33 -12.35
C SER D 112 -7.65 12.83 -12.62
N PHE D 113 -6.76 13.42 -11.84
CA PHE D 113 -6.41 14.84 -11.99
C PHE D 113 -6.00 15.28 -13.41
N ILE D 114 -5.46 14.39 -14.24
CA ILE D 114 -5.11 14.85 -15.58
C ILE D 114 -6.33 15.01 -16.49
N ARG D 115 -7.47 14.45 -16.09
CA ARG D 115 -8.70 14.58 -16.87
C ARG D 115 -9.75 15.43 -16.16
N ASN D 116 -9.58 15.64 -14.86
CA ASN D 116 -10.49 16.44 -14.06
C ASN D 116 -9.59 17.26 -13.15
N ASN D 117 -9.61 18.57 -13.35
CA ASN D 117 -8.78 19.50 -12.61
C ASN D 117 -8.74 19.39 -11.08
N THR D 118 -9.79 18.86 -10.46
CA THR D 118 -9.82 18.76 -9.01
C THR D 118 -9.97 17.33 -8.46
N LYS D 119 -9.85 16.34 -9.32
CA LYS D 119 -10.01 14.95 -8.95
C LYS D 119 -8.77 14.30 -8.33
N ASN D 120 -8.90 13.84 -7.08
CA ASN D 120 -7.80 13.14 -6.37
C ASN D 120 -6.48 13.91 -6.35
N ILE D 121 -6.55 15.20 -6.10
CA ILE D 121 -5.35 16.00 -6.08
C ILE D 121 -5.50 17.02 -4.96
N VAL D 122 -4.42 17.30 -4.25
CA VAL D 122 -4.45 18.22 -3.13
C VAL D 122 -4.89 19.63 -3.51
N TYR D 123 -4.38 20.12 -4.62
CA TYR D 123 -4.75 21.45 -5.13
C TYR D 123 -5.09 21.25 -6.59
N PRO D 124 -5.96 22.13 -7.15
CA PRO D 124 -6.34 22.01 -8.56
C PRO D 124 -5.08 21.81 -9.41
N PHE D 125 -5.16 20.88 -10.36
CA PHE D 125 -4.04 20.54 -11.24
C PHE D 125 -3.41 21.77 -11.91
N ASP D 126 -4.25 22.71 -12.35
CA ASP D 126 -3.73 23.88 -13.04
C ASP D 126 -2.90 24.84 -12.19
N GLN D 127 -2.83 24.57 -10.89
CA GLN D 127 -2.03 25.40 -9.99
C GLN D 127 -0.59 24.88 -9.86
N TYR D 128 -0.33 23.71 -10.45
CA TYR D 128 0.99 23.12 -10.44
C TYR D 128 1.69 23.43 -11.76
N ILE D 129 2.95 23.84 -11.67
CA ILE D 129 3.74 24.18 -12.86
C ILE D 129 4.83 23.16 -13.12
N ALA D 130 4.99 22.21 -12.19
CA ALA D 130 6.00 21.17 -12.31
C ALA D 130 5.54 19.95 -11.54
N HIS D 131 5.89 18.77 -12.04
CA HIS D 131 5.53 17.49 -11.44
C HIS D 131 6.80 16.64 -11.42
N TRP D 132 7.44 16.61 -10.27
CA TRP D 132 8.67 15.84 -10.13
C TRP D 132 8.43 14.47 -9.51
N ILE D 133 9.24 13.51 -9.94
CA ILE D 133 9.21 12.15 -9.44
C ILE D 133 10.56 11.86 -8.81
N ILE D 134 10.55 11.47 -7.53
CA ILE D 134 11.77 11.04 -6.86
C ILE D 134 11.62 9.51 -6.90
N GLY D 135 12.38 8.89 -7.79
CA GLY D 135 12.33 7.46 -7.97
C GLY D 135 13.42 6.70 -7.23
N TYR D 136 12.99 5.65 -6.53
CA TYR D 136 13.88 4.80 -5.78
C TYR D 136 13.90 3.43 -6.43
N VAL D 137 15.09 2.93 -6.72
CA VAL D 137 15.23 1.62 -7.33
C VAL D 137 16.10 0.81 -6.39
N TYR D 138 15.58 -0.30 -5.90
CA TYR D 138 16.36 -1.13 -5.00
C TYR D 138 16.57 -2.54 -5.55
N THR D 139 17.75 -3.09 -5.29
CA THR D 139 18.06 -4.45 -5.71
C THR D 139 17.54 -5.34 -4.57
N ARG D 140 16.60 -6.22 -4.93
CA ARG D 140 15.94 -7.15 -4.03
C ARG D 140 16.92 -8.12 -3.40
N VAL D 141 16.71 -8.45 -2.12
CA VAL D 141 17.60 -9.41 -1.46
C VAL D 141 17.16 -10.83 -1.80
N SER D 147 14.45 -10.71 9.11
CA SER D 147 14.34 -11.86 9.99
C SER D 147 12.99 -11.84 10.69
N LEU D 148 12.83 -12.69 11.69
CA LEU D 148 11.58 -12.76 12.42
C LEU D 148 11.78 -12.57 13.92
N LYS D 149 12.87 -11.89 14.27
CA LYS D 149 13.20 -11.61 15.66
C LYS D 149 13.33 -10.11 15.85
N THR D 150 13.42 -9.67 17.09
CA THR D 150 13.56 -8.25 17.40
C THR D 150 14.96 -7.90 17.89
N TYR D 151 15.29 -6.62 17.95
CA TYR D 151 16.61 -6.18 18.36
C TYR D 151 16.58 -4.98 19.29
N ASN D 152 17.74 -4.65 19.86
CA ASN D 152 17.87 -3.50 20.74
C ASN D 152 18.88 -2.56 20.07
N ILE D 153 18.99 -1.32 20.56
CA ILE D 153 19.89 -0.34 19.95
C ILE D 153 21.36 -0.72 19.80
N ASN D 154 21.82 -1.67 20.59
CA ASN D 154 23.23 -2.08 20.51
C ASN D 154 23.46 -3.11 19.41
N GLU D 155 22.37 -3.64 18.85
CA GLU D 155 22.45 -4.66 17.81
C GLU D 155 22.08 -4.19 16.40
N LEU D 156 22.08 -2.88 16.17
CA LEU D 156 21.74 -2.33 14.83
C LEU D 156 22.49 -2.99 13.69
N ASN D 157 23.78 -3.27 13.91
CA ASN D 157 24.64 -3.89 12.91
C ASN D 157 24.24 -5.33 12.56
N GLU D 158 23.45 -5.93 13.42
CA GLU D 158 22.99 -7.31 13.23
C GLU D 158 21.71 -7.39 12.39
N ILE D 159 20.99 -6.28 12.30
CA ILE D 159 19.73 -6.25 11.57
C ILE D 159 19.90 -6.35 10.06
N PRO D 160 19.35 -7.42 9.45
CA PRO D 160 19.43 -7.64 8.00
C PRO D 160 18.76 -6.52 7.20
N LYS D 161 19.51 -5.88 6.32
CA LYS D 161 18.97 -4.82 5.48
C LYS D 161 18.17 -5.51 4.36
N PRO D 162 16.93 -5.07 4.13
CA PRO D 162 16.03 -5.62 3.11
C PRO D 162 16.35 -5.25 1.65
N TYR D 163 17.61 -4.93 1.38
CA TYR D 163 18.03 -4.56 0.04
C TYR D 163 19.55 -4.68 -0.05
N LYS D 164 20.05 -5.00 -1.23
CA LYS D 164 21.49 -5.12 -1.47
C LYS D 164 22.05 -3.78 -1.98
N GLY D 165 21.15 -2.88 -2.39
CA GLY D 165 21.54 -1.59 -2.90
C GLY D 165 20.31 -0.76 -3.26
N VAL D 166 20.47 0.56 -3.30
CA VAL D 166 19.37 1.46 -3.61
C VAL D 166 19.90 2.66 -4.37
N LYS D 167 19.19 3.08 -5.41
CA LYS D 167 19.56 4.26 -6.19
C LYS D 167 18.36 5.20 -6.22
N VAL D 168 18.63 6.50 -6.27
CA VAL D 168 17.55 7.47 -6.29
C VAL D 168 17.77 8.52 -7.40
N PHE D 169 16.69 9.00 -8.00
CA PHE D 169 16.79 10.02 -9.03
C PHE D 169 15.61 10.98 -8.91
N LEU D 170 15.77 12.19 -9.45
CA LEU D 170 14.69 13.16 -9.48
C LEU D 170 14.52 13.49 -10.96
N GLN D 171 13.30 13.34 -11.46
CA GLN D 171 13.04 13.60 -12.85
C GLN D 171 11.61 14.04 -13.05
N ASP D 172 11.37 14.87 -14.07
CA ASP D 172 10.01 15.34 -14.36
C ASP D 172 9.20 14.11 -14.79
N LYS D 173 7.93 14.06 -14.37
CA LYS D 173 7.05 12.95 -14.71
C LYS D 173 6.94 12.76 -16.22
N TRP D 174 6.66 13.84 -16.95
CA TRP D 174 6.49 13.75 -18.41
C TRP D 174 7.71 13.18 -19.14
N VAL D 175 8.89 13.54 -18.65
CA VAL D 175 10.14 13.12 -19.27
C VAL D 175 10.35 11.60 -19.28
N ILE D 176 9.96 10.94 -18.20
CA ILE D 176 10.15 9.49 -18.11
C ILE D 176 8.93 8.66 -18.45
N ALA D 177 7.85 9.33 -18.86
CA ALA D 177 6.61 8.66 -19.21
C ALA D 177 6.74 7.85 -20.51
N GLY D 178 6.01 6.74 -20.57
CA GLY D 178 6.03 5.89 -21.74
C GLY D 178 4.68 5.97 -22.41
N ASP D 179 4.42 5.09 -23.37
CA ASP D 179 3.14 5.09 -24.09
C ASP D 179 2.26 3.85 -23.79
N LEU D 180 2.74 3.00 -22.90
CA LEU D 180 1.98 1.81 -22.52
C LEU D 180 1.54 1.93 -21.06
N ALA D 181 0.28 1.63 -20.77
CA ALA D 181 -0.25 1.70 -19.41
C ALA D 181 0.61 0.90 -18.42
N GLY D 182 0.75 1.44 -17.22
CA GLY D 182 1.52 0.77 -16.18
C GLY D 182 0.65 -0.20 -15.38
N SER D 183 -0.67 -0.08 -15.54
CA SER D 183 -1.62 -0.95 -14.85
C SER D 183 -2.97 -0.96 -15.58
N GLY D 184 -3.72 -2.05 -15.41
CA GLY D 184 -5.02 -2.20 -16.05
C GLY D 184 -6.20 -1.58 -15.33
N ASN D 185 -6.75 -2.29 -14.34
CA ASN D 185 -7.91 -1.78 -13.62
C ASN D 185 -7.66 -0.45 -12.92
N THR D 186 -6.42 -0.20 -12.50
CA THR D 186 -6.11 1.05 -11.81
C THR D 186 -5.60 2.13 -12.75
N THR D 187 -5.77 1.88 -14.04
CA THR D 187 -5.42 2.84 -15.10
C THR D 187 -4.26 3.80 -14.80
N ASN D 188 -3.06 3.25 -14.70
CA ASN D 188 -1.87 4.06 -14.44
C ASN D 188 -1.05 4.27 -15.71
N ILE D 189 -0.42 5.44 -15.77
CA ILE D 189 0.49 5.79 -16.86
C ILE D 189 1.71 4.91 -16.60
N GLY D 190 2.25 4.32 -17.65
CA GLY D 190 3.43 3.50 -17.50
C GLY D 190 4.64 4.34 -17.89
N SER D 191 5.76 4.13 -17.20
CA SER D 191 6.98 4.87 -17.55
C SER D 191 7.65 4.11 -18.68
N ILE D 192 8.76 4.65 -19.16
CA ILE D 192 9.55 3.98 -20.20
C ILE D 192 10.11 2.74 -19.50
N HIS D 193 10.47 1.73 -20.26
CA HIS D 193 11.06 0.52 -19.70
C HIS D 193 12.52 0.62 -20.10
N ALA D 194 13.35 1.14 -19.20
CA ALA D 194 14.75 1.34 -19.50
C ALA D 194 15.67 1.17 -18.31
N HIS D 195 16.97 1.33 -18.55
CA HIS D 195 17.98 1.22 -17.51
C HIS D 195 17.93 2.49 -16.69
N TYR D 196 18.35 2.38 -15.44
CA TYR D 196 18.36 3.51 -14.51
C TYR D 196 18.95 4.79 -15.11
N LYS D 197 19.99 4.63 -15.92
CA LYS D 197 20.67 5.76 -16.55
C LYS D 197 19.74 6.61 -17.42
N ASP D 198 18.82 5.94 -18.11
CA ASP D 198 17.86 6.62 -19.00
C ASP D 198 16.88 7.48 -18.21
N PHE D 199 16.60 7.10 -16.97
CA PHE D 199 15.70 7.87 -16.13
C PHE D 199 16.43 9.12 -15.65
N VAL D 200 17.68 8.95 -15.20
CA VAL D 200 18.47 10.08 -14.74
C VAL D 200 18.67 11.07 -15.89
N GLU D 201 19.05 10.53 -17.05
CA GLU D 201 19.30 11.35 -18.21
C GLU D 201 18.07 11.86 -18.94
N GLY D 202 16.90 11.38 -18.51
CA GLY D 202 15.65 11.82 -19.12
C GLY D 202 15.46 11.42 -20.56
N LYS D 203 15.89 10.21 -20.91
CA LYS D 203 15.76 9.70 -22.28
C LYS D 203 14.38 9.10 -22.49
N GLY D 204 13.40 9.96 -22.68
CA GLY D 204 12.04 9.51 -22.89
C GLY D 204 11.62 9.31 -24.34
N ILE D 205 10.32 9.31 -24.57
CA ILE D 205 9.80 9.11 -25.91
C ILE D 205 8.93 10.27 -26.36
N PHE D 206 8.41 11.04 -25.41
CA PHE D 206 7.56 12.18 -25.75
C PHE D 206 8.39 13.38 -26.17
N ASP D 207 7.90 14.13 -27.15
CA ASP D 207 8.58 15.31 -27.64
C ASP D 207 8.43 16.48 -26.69
N SER D 208 7.33 16.50 -25.95
CA SER D 208 7.06 17.59 -25.02
C SER D 208 6.07 17.15 -23.96
N GLU D 209 5.88 18.00 -22.96
CA GLU D 209 4.95 17.73 -21.88
C GLU D 209 3.53 17.85 -22.45
N ASP D 210 3.35 18.73 -23.42
CA ASP D 210 2.04 18.88 -24.07
C ASP D 210 1.65 17.54 -24.73
N GLU D 211 2.61 16.89 -25.36
CA GLU D 211 2.35 15.63 -26.04
C GLU D 211 2.03 14.54 -25.01
N PHE D 212 2.80 14.52 -23.93
CA PHE D 212 2.61 13.55 -22.86
C PHE D 212 1.20 13.65 -22.29
N LEU D 213 0.79 14.86 -21.94
CA LEU D 213 -0.53 15.07 -21.38
C LEU D 213 -1.65 14.69 -22.33
N ASP D 214 -1.53 15.13 -23.59
CA ASP D 214 -2.57 14.84 -24.56
C ASP D 214 -2.69 13.34 -24.80
N TYR D 215 -1.56 12.67 -24.88
CA TYR D 215 -1.53 11.23 -25.10
C TYR D 215 -2.28 10.52 -23.98
N TRP D 216 -1.95 10.84 -22.74
CA TRP D 216 -2.60 10.17 -21.61
C TRP D 216 -4.03 10.61 -21.33
N ARG D 217 -4.38 11.83 -21.74
CA ARG D 217 -5.74 12.32 -21.55
C ARG D 217 -6.68 11.68 -22.58
N ASN D 218 -6.12 11.10 -23.65
CA ASN D 218 -6.94 10.50 -24.69
C ASN D 218 -6.73 9.01 -24.91
N TYR D 219 -5.91 8.41 -24.05
CA TYR D 219 -5.61 6.98 -24.08
C TYR D 219 -6.86 6.22 -23.59
N GLU D 220 -7.32 5.26 -24.37
CA GLU D 220 -8.50 4.47 -24.00
C GLU D 220 -8.10 3.41 -22.98
N ARG D 221 -9.02 3.06 -22.09
CA ARG D 221 -8.75 2.09 -21.02
C ARG D 221 -8.44 0.65 -21.40
N THR D 222 -9.00 0.17 -22.50
CA THR D 222 -8.78 -1.22 -22.91
C THR D 222 -8.32 -1.32 -24.36
N SER D 223 -7.74 -2.47 -24.70
CA SER D 223 -7.25 -2.71 -26.05
C SER D 223 -8.35 -2.59 -27.10
N GLN D 224 -9.53 -3.10 -26.77
CA GLN D 224 -10.67 -3.04 -27.68
C GLN D 224 -10.86 -1.60 -28.15
N LEU D 225 -11.08 -0.70 -27.20
CA LEU D 225 -11.28 0.70 -27.51
C LEU D 225 -10.04 1.34 -28.14
N ARG D 226 -8.86 0.96 -27.67
CA ARG D 226 -7.61 1.50 -28.20
C ARG D 226 -7.32 1.12 -29.65
N ASN D 227 -7.78 -0.06 -30.05
CA ASN D 227 -7.58 -0.55 -31.42
C ASN D 227 -8.30 0.28 -32.48
N LYS D 229 -8.17 3.57 -32.13
CA LYS D 229 -7.70 4.92 -31.85
C LYS D 229 -6.17 4.86 -31.86
N TYR D 230 -5.56 4.49 -30.74
CA TYR D 230 -4.10 4.36 -30.68
C TYR D 230 -3.68 3.56 -29.46
N ASN D 231 -2.62 2.77 -29.62
CA ASN D 231 -2.08 1.93 -28.56
C ASN D 231 -0.65 2.27 -28.20
N ASN D 232 -0.01 3.14 -28.98
CA ASN D 232 1.37 3.55 -28.74
C ASN D 232 1.60 4.94 -29.34
N ILE D 233 2.79 5.48 -29.13
CA ILE D 233 3.11 6.82 -29.60
C ILE D 233 2.98 7.00 -31.10
N SER D 234 3.40 6.02 -31.89
CA SER D 234 3.30 6.12 -33.33
C SER D 234 1.84 6.23 -33.76
N GLU D 235 0.99 5.40 -33.19
CA GLU D 235 -0.41 5.41 -33.55
C GLU D 235 -1.08 6.70 -33.10
N TYR D 236 -0.60 7.26 -31.98
CA TYR D 236 -1.15 8.50 -31.47
C TYR D 236 -0.84 9.64 -32.44
N ARG D 237 0.41 9.69 -32.89
CA ARG D 237 0.84 10.73 -33.83
C ARG D 237 0.03 10.65 -35.12
N ASN D 238 -0.38 9.44 -35.48
CA ASN D 238 -1.19 9.23 -36.67
C ASN D 238 -2.61 9.74 -36.41
N TRP D 239 -3.11 9.43 -35.20
CA TRP D 239 -4.44 9.87 -34.76
C TRP D 239 -4.51 11.40 -34.82
N ILE D 240 -3.41 12.05 -34.44
CA ILE D 240 -3.31 13.51 -34.48
C ILE D 240 -3.45 13.96 -35.94
N TYR D 241 -2.68 13.34 -36.82
CA TYR D 241 -2.73 13.65 -38.25
C TYR D 241 -4.12 13.49 -38.83
N ARG D 242 -4.81 12.44 -38.42
CA ARG D 242 -6.16 12.16 -38.91
C ARG D 242 -7.17 13.20 -38.43
N GLY D 243 -6.74 14.08 -37.54
CA GLY D 243 -7.63 15.10 -37.01
C GLY D 243 -8.30 14.69 -35.71
N ARG D 244 -7.58 13.89 -34.91
CA ARG D 244 -8.09 13.41 -33.61
C ARG D 244 -9.37 12.60 -33.79
N LYS D 245 -9.33 11.65 -34.70
CA LYS D 245 -10.46 10.77 -34.99
C LYS D 245 -9.97 9.57 -35.79
CL CL E . 2.66 -9.49 4.14
CL CL F . -2.03 -7.71 5.06
C ACY G . 1.66 -0.70 17.90
O ACY G . 2.77 0.44 17.91
OXT ACY G . 0.55 1.98 17.00
CH3 ACY G . -0.04 -3.20 18.56
CL CL H . 4.12 7.95 -2.95
CL CL I . 2.43 10.10 0.80
C ACY J . 17.96 3.55 3.06
O ACY J . 18.33 4.10 3.89
OXT ACY J . 18.82 2.51 1.85
CH3 ACY J . 17.22 4.69 1.69
#